data_6F3E
#
_entry.id   6F3E
#
_cell.length_a   87.181
_cell.length_b   109.371
_cell.length_c   141.544
_cell.angle_alpha   90.00
_cell.angle_beta   90.00
_cell.angle_gamma   90.00
#
_symmetry.space_group_name_H-M   'I 2 2 2'
#
loop_
_entity.id
_entity.type
_entity.pdbx_description
1 polymer 'Interleukin-1 receptor-associated kinase 4'
2 non-polymer 'SULFATE ION'
3 non-polymer 2-[(3~{R})-12-(4-morpholin-4-ylcyclohexyl)oxy-7-thia-9,11-diazatricyclo[6.4.0.0^{2,6}]dodeca-1(8),2(6),9,11-tetraen-3-yl]ethanamide
4 water water
#
_entity_poly.entity_id   1
_entity_poly.type   'polypeptide(L)'
_entity_poly.pdbx_seq_one_letter_code
;RFHSFSFYELKNVTNNFDERPISVGGNKMGEGGFGVVYKGYVNNTTVAVKKLAAMVDITTEELKQQFDQEIKVMAKCQHE
NLVELLGFSSDGDDLCLVYVYMPNGSLLDRLSCLDGTPPLSWHMRCKIAQGAANGINFLHENHHIHRDIKSANILLDEAF
TAKISDFGLARASEKFAQ(TPO)VM(TPO)SRIVGTTAYMAPEALRGEITPKSDIYSFGVVLLEIITGLPAVDEHREPQL
LLDIKEEIEDEEKTIEDYIDKKMNDADSTSVEAMYSVASQCLHEKKNKRPDIKKVQQLLQEMT
;
_entity_poly.pdbx_strand_id   A,B
#
loop_
_chem_comp.id
_chem_comp.type
_chem_comp.name
_chem_comp.formula
CJQ non-polymer 2-[(3~{R})-12-(4-morpholin-4-ylcyclohexyl)oxy-7-thia-9,11-diazatricyclo[6.4.0.0^{2,6}]dodeca-1(8),2(6),9,11-tetraen-3-yl]ethanamide 'C21 H28 N4 O3 S'
SO4 non-polymer 'SULFATE ION' 'O4 S -2'
#
# COMPACT_ATOMS: atom_id res chain seq x y z
N ARG A 1 6.27 19.37 36.80
CA ARG A 1 4.87 19.79 36.81
C ARG A 1 4.41 20.23 35.41
N PHE A 2 3.08 20.32 35.21
CA PHE A 2 2.47 20.75 33.94
C PHE A 2 2.00 22.18 34.09
N HIS A 3 2.22 23.02 33.05
CA HIS A 3 1.81 24.41 33.15
C HIS A 3 0.30 24.60 33.18
N SER A 4 -0.14 25.49 34.08
CA SER A 4 -1.52 25.89 34.28
C SER A 4 -1.95 26.66 33.03
N PHE A 5 -2.62 25.98 32.09
CA PHE A 5 -3.10 26.61 30.85
C PHE A 5 -4.59 26.90 30.90
N SER A 6 -5.01 28.03 30.31
CA SER A 6 -6.42 28.42 30.22
C SER A 6 -6.93 28.14 28.81
N PHE A 7 -8.25 27.87 28.66
CA PHE A 7 -8.86 27.57 27.35
C PHE A 7 -8.61 28.66 26.31
N TYR A 8 -8.45 29.88 26.78
CA TYR A 8 -8.17 31.03 25.94
C TYR A 8 -6.74 30.92 25.42
N GLU A 9 -5.79 30.63 26.33
CA GLU A 9 -4.37 30.43 26.05
C GLU A 9 -4.12 29.30 25.01
N LEU A 10 -5.11 28.39 24.81
CA LEU A 10 -5.01 27.25 23.88
C LEU A 10 -5.99 27.27 22.69
N LYS A 11 -6.80 28.33 22.57
CA LYS A 11 -7.78 28.47 21.48
C LYS A 11 -7.11 29.17 20.30
N ASN A 12 -6.29 30.19 20.62
CA ASN A 12 -5.55 31.02 19.67
C ASN A 12 -4.48 30.25 18.93
N VAL A 13 -3.72 29.39 19.66
CA VAL A 13 -2.63 28.53 19.14
C VAL A 13 -3.11 27.61 18.01
N THR A 14 -4.40 27.21 18.07
CA THR A 14 -5.04 26.31 17.12
C THR A 14 -5.79 27.07 16.04
N ASN A 15 -5.60 28.42 15.95
CA ASN A 15 -6.28 29.32 14.99
C ASN A 15 -7.80 29.18 15.18
N ASN A 16 -8.27 29.48 16.42
CA ASN A 16 -9.66 29.38 16.85
C ASN A 16 -10.24 27.99 16.50
N PHE A 17 -9.42 26.95 16.79
CA PHE A 17 -9.67 25.52 16.54
C PHE A 17 -10.11 25.24 15.08
N ASP A 18 -9.24 25.61 14.13
CA ASP A 18 -9.43 25.44 12.68
C ASP A 18 -9.52 23.95 12.27
N GLU A 19 -10.75 23.51 11.96
CA GLU A 19 -11.05 22.14 11.58
C GLU A 19 -10.92 21.92 10.07
N ARG A 20 -9.68 22.07 9.55
CA ARG A 20 -9.31 21.91 8.14
C ARG A 20 -7.97 21.15 8.00
N PRO A 21 -7.71 20.38 6.91
CA PRO A 21 -6.44 19.61 6.84
C PRO A 21 -5.21 20.48 6.57
N ILE A 22 -4.06 20.10 7.15
CA ILE A 22 -2.78 20.83 6.99
C ILE A 22 -2.27 20.82 5.53
N SER A 23 -2.54 19.72 4.77
CA SER A 23 -2.18 19.52 3.35
C SER A 23 -2.78 20.56 2.39
N VAL A 24 -3.83 21.27 2.86
CA VAL A 24 -4.60 22.32 2.17
C VAL A 24 -4.38 23.69 2.87
N GLY A 25 -3.97 23.66 4.14
CA GLY A 25 -3.72 24.83 4.97
C GLY A 25 -4.77 25.03 6.06
N GLY A 26 -4.69 24.20 7.10
CA GLY A 26 -5.60 24.23 8.25
C GLY A 26 -4.92 23.83 9.55
N ASN A 27 -5.71 23.57 10.62
CA ASN A 27 -5.14 23.19 11.93
C ASN A 27 -5.58 21.80 12.47
N LYS A 28 -6.57 21.13 11.83
CA LYS A 28 -7.03 19.80 12.23
C LYS A 28 -6.17 18.69 11.60
N MET A 29 -5.78 17.69 12.42
CA MET A 29 -4.96 16.56 11.98
C MET A 29 -5.82 15.32 11.72
N GLY A 30 -6.64 15.00 12.72
CA GLY A 30 -7.56 13.88 12.75
C GLY A 30 -8.03 13.68 14.17
N GLU A 31 -8.77 12.58 14.41
CA GLU A 31 -9.29 12.26 15.74
C GLU A 31 -8.33 11.33 16.53
N GLY A 32 -8.57 11.23 17.85
CA GLY A 32 -7.78 10.41 18.77
C GLY A 32 -8.60 9.69 19.84
N GLY A 33 -9.54 8.86 19.38
CA GLY A 33 -10.42 8.08 20.26
C GLY A 33 -11.46 8.90 21.00
N PHE A 34 -11.01 9.68 22.03
CA PHE A 34 -11.92 10.49 22.87
C PHE A 34 -11.85 12.00 22.58
N GLY A 35 -11.30 12.35 21.42
CA GLY A 35 -11.20 13.73 21.00
C GLY A 35 -10.62 13.92 19.61
N VAL A 36 -10.27 15.19 19.31
CA VAL A 36 -9.67 15.65 18.05
C VAL A 36 -8.30 16.22 18.42
N VAL A 37 -7.28 15.89 17.65
CA VAL A 37 -5.93 16.39 17.91
C VAL A 37 -5.64 17.52 16.91
N TYR A 38 -5.35 18.71 17.44
CA TYR A 38 -5.04 19.90 16.66
C TYR A 38 -3.55 20.29 16.79
N LYS A 39 -2.97 20.84 15.71
CA LYS A 39 -1.59 21.30 15.71
C LYS A 39 -1.57 22.70 16.39
N GLY A 40 -0.62 22.90 17.31
CA GLY A 40 -0.49 24.13 18.07
C GLY A 40 0.94 24.63 18.21
N TYR A 41 1.11 25.88 18.74
CA TYR A 41 2.41 26.53 18.92
C TYR A 41 2.52 27.26 20.26
N VAL A 42 3.52 26.88 21.08
CA VAL A 42 3.82 27.53 22.36
C VAL A 42 5.28 28.02 22.33
N ASN A 43 5.47 29.22 21.73
CA ASN A 43 6.73 29.91 21.48
C ASN A 43 7.65 29.07 20.61
N ASN A 44 7.39 29.10 19.27
CA ASN A 44 8.12 28.40 18.20
C ASN A 44 8.48 26.92 18.55
N THR A 45 7.55 26.27 19.30
CA THR A 45 7.58 24.88 19.80
C THR A 45 6.24 24.28 19.41
N THR A 46 6.24 23.32 18.45
CA THR A 46 5.01 22.69 17.99
C THR A 46 4.44 21.76 19.05
N VAL A 47 3.12 21.89 19.30
CA VAL A 47 2.39 21.07 20.28
C VAL A 47 1.18 20.37 19.66
N ALA A 48 0.68 19.36 20.37
CA ALA A 48 -0.50 18.61 19.96
C ALA A 48 -1.54 18.90 21.03
N VAL A 49 -2.62 19.62 20.64
CA VAL A 49 -3.71 20.00 21.55
C VAL A 49 -4.87 19.02 21.34
N LYS A 50 -5.17 18.22 22.35
CA LYS A 50 -6.21 17.23 22.24
C LYS A 50 -7.50 17.75 22.87
N LYS A 51 -8.44 18.25 22.03
CA LYS A 51 -9.77 18.72 22.46
C LYS A 51 -10.72 17.52 22.48
N LEU A 52 -11.29 17.24 23.67
CA LEU A 52 -12.20 16.13 23.93
C LEU A 52 -13.67 16.51 23.73
N LEU A 63 -15.73 11.04 30.47
CA LEU A 63 -14.69 11.75 29.72
C LEU A 63 -13.88 12.67 30.63
N LYS A 64 -14.50 13.20 31.71
CA LYS A 64 -13.85 14.06 32.70
C LYS A 64 -12.86 13.24 33.54
N GLN A 65 -13.24 11.99 33.92
CA GLN A 65 -12.41 11.07 34.69
C GLN A 65 -11.24 10.59 33.85
N GLN A 66 -11.46 10.41 32.52
CA GLN A 66 -10.44 10.00 31.55
C GLN A 66 -9.42 11.11 31.32
N PHE A 67 -9.87 12.39 31.40
CA PHE A 67 -9.04 13.61 31.30
C PHE A 67 -8.12 13.62 32.54
N ASP A 68 -8.72 13.37 33.74
CA ASP A 68 -8.03 13.30 35.02
C ASP A 68 -7.00 12.16 35.06
N GLN A 69 -7.32 10.99 34.47
CA GLN A 69 -6.45 9.82 34.49
C GLN A 69 -5.17 10.01 33.66
N GLU A 70 -5.27 10.66 32.48
CA GLU A 70 -4.11 10.95 31.63
C GLU A 70 -3.07 11.77 32.42
N ILE A 71 -3.53 12.86 33.10
CA ILE A 71 -2.73 13.77 33.93
C ILE A 71 -2.03 13.06 35.10
N LYS A 72 -2.75 12.16 35.81
CA LYS A 72 -2.23 11.36 36.94
C LYS A 72 -1.11 10.41 36.48
N VAL A 73 -1.35 9.64 35.39
CA VAL A 73 -0.38 8.70 34.79
C VAL A 73 0.81 9.49 34.25
N MET A 74 0.56 10.60 33.51
CA MET A 74 1.62 11.45 32.95
C MET A 74 2.54 12.08 33.98
N ALA A 75 1.98 12.41 35.16
CA ALA A 75 2.71 13.00 36.29
C ALA A 75 3.70 12.01 36.87
N LYS A 76 3.31 10.73 36.94
CA LYS A 76 4.13 9.65 37.49
C LYS A 76 5.06 8.98 36.47
N CYS A 77 4.72 9.05 35.18
CA CYS A 77 5.48 8.33 34.16
C CYS A 77 6.11 9.22 33.08
N GLN A 78 7.45 9.32 33.14
CA GLN A 78 8.30 10.06 32.20
C GLN A 78 9.31 9.07 31.60
N HIS A 79 9.23 8.85 30.28
CA HIS A 79 10.09 7.90 29.61
C HIS A 79 10.27 8.24 28.14
N GLU A 80 11.41 7.78 27.58
CA GLU A 80 11.85 7.91 26.19
C GLU A 80 10.78 7.44 25.22
N ASN A 81 10.01 6.44 25.64
CA ASN A 81 9.03 5.76 24.81
C ASN A 81 7.58 6.02 25.19
N LEU A 82 7.33 7.14 25.90
CA LEU A 82 5.97 7.62 26.22
C LEU A 82 5.90 9.04 25.71
N VAL A 83 4.73 9.50 25.21
CA VAL A 83 4.56 10.90 24.75
C VAL A 83 4.74 11.84 25.95
N GLU A 84 5.00 13.12 25.71
CA GLU A 84 5.20 14.02 26.83
C GLU A 84 4.04 14.98 27.00
N LEU A 85 3.50 15.08 28.23
CA LEU A 85 2.42 16.02 28.52
C LEU A 85 3.04 17.30 29.00
N LEU A 86 2.77 18.40 28.32
CA LEU A 86 3.30 19.70 28.70
C LEU A 86 2.33 20.42 29.63
N GLY A 87 1.03 20.35 29.31
CA GLY A 87 -0.02 21.00 30.10
C GLY A 87 -1.43 20.55 29.78
N PHE A 88 -2.41 21.31 30.33
CA PHE A 88 -3.84 21.03 30.24
C PHE A 88 -4.68 22.28 30.56
N SER A 89 -6.01 22.24 30.28
CA SER A 89 -6.98 23.31 30.59
C SER A 89 -8.33 22.72 30.98
N LEU A 95 -12.58 20.38 27.04
CA LEU A 95 -11.34 20.04 27.73
C LEU A 95 -10.16 19.78 26.78
N CYS A 96 -9.00 20.37 27.12
CA CYS A 96 -7.76 20.29 26.35
C CYS A 96 -6.58 19.70 27.10
N LEU A 97 -5.78 18.89 26.39
CA LEU A 97 -4.54 18.30 26.87
C LEU A 97 -3.45 18.70 25.87
N VAL A 98 -2.29 19.16 26.37
CA VAL A 98 -1.20 19.64 25.53
C VAL A 98 0.04 18.73 25.62
N TYR A 99 0.55 18.29 24.46
CA TYR A 99 1.68 17.39 24.36
C TYR A 99 2.78 17.89 23.43
N VAL A 100 3.97 17.25 23.51
CA VAL A 100 5.01 17.56 22.55
C VAL A 100 4.55 16.89 21.26
N TYR A 101 4.46 17.66 20.19
CA TYR A 101 4.01 17.20 18.89
C TYR A 101 4.88 16.06 18.27
N MET A 102 4.24 14.98 17.83
CA MET A 102 4.89 13.83 17.18
C MET A 102 4.78 14.03 15.68
N PRO A 103 5.89 14.52 15.06
CA PRO A 103 5.86 14.87 13.63
C PRO A 103 5.55 13.74 12.66
N ASN A 104 5.75 12.47 13.06
CA ASN A 104 5.51 11.38 12.13
C ASN A 104 4.21 10.61 12.42
N GLY A 105 3.29 11.28 13.12
CA GLY A 105 1.98 10.77 13.46
C GLY A 105 1.99 9.42 14.13
N SER A 106 0.98 8.57 13.82
CA SER A 106 0.86 7.25 14.40
C SER A 106 1.49 6.15 13.54
N LEU A 107 1.82 5.02 14.17
CA LEU A 107 2.36 3.83 13.51
C LEU A 107 1.34 3.31 12.50
N LEU A 108 0.04 3.38 12.86
CA LEU A 108 -1.07 2.96 12.03
C LEU A 108 -1.06 3.71 10.70
N ASP A 109 -0.92 5.04 10.75
CA ASP A 109 -0.89 5.90 9.58
C ASP A 109 0.34 5.60 8.70
N ARG A 110 1.51 5.35 9.33
CA ARG A 110 2.76 5.07 8.63
C ARG A 110 2.76 3.69 7.99
N LEU A 111 2.13 2.68 8.64
CA LEU A 111 2.00 1.32 8.09
C LEU A 111 1.06 1.31 6.87
N SER A 112 0.13 2.28 6.80
CA SER A 112 -0.80 2.39 5.68
C SER A 112 -0.40 3.49 4.68
N CYS A 113 0.82 4.10 4.85
CA CYS A 113 1.41 5.15 4.01
C CYS A 113 0.45 6.30 3.76
N LEU A 114 -0.31 6.65 4.79
CA LEU A 114 -1.29 7.73 4.74
C LEU A 114 -0.64 9.07 4.34
N ASP A 115 -1.27 9.76 3.38
CA ASP A 115 -0.85 11.04 2.83
C ASP A 115 0.51 10.98 2.10
N GLY A 116 0.75 9.86 1.41
CA GLY A 116 1.90 9.63 0.55
C GLY A 116 3.24 9.45 1.22
N THR A 117 3.24 9.15 2.52
CA THR A 117 4.50 8.95 3.26
C THR A 117 5.12 7.63 2.77
N PRO A 118 6.44 7.54 2.59
CA PRO A 118 7.02 6.27 2.08
C PRO A 118 6.90 5.10 3.06
N PRO A 119 6.88 3.82 2.60
CA PRO A 119 6.74 2.73 3.59
C PRO A 119 7.89 2.66 4.59
N LEU A 120 7.61 2.20 5.81
CA LEU A 120 8.66 2.02 6.82
C LEU A 120 9.49 0.77 6.46
N SER A 121 10.80 0.87 6.53
CA SER A 121 11.67 -0.26 6.27
C SER A 121 11.55 -1.27 7.41
N TRP A 122 12.05 -2.50 7.18
CA TRP A 122 12.09 -3.53 8.19
C TRP A 122 12.96 -3.07 9.36
N HIS A 123 14.09 -2.43 9.07
CA HIS A 123 15.02 -1.87 10.05
C HIS A 123 14.30 -0.87 10.98
N MET A 124 13.52 0.04 10.38
CA MET A 124 12.76 1.02 11.11
C MET A 124 11.73 0.29 11.99
N ARG A 125 11.00 -0.71 11.43
CA ARG A 125 9.95 -1.47 12.13
C ARG A 125 10.44 -2.22 13.37
N CYS A 126 11.67 -2.77 13.32
CA CYS A 126 12.32 -3.42 14.44
C CYS A 126 12.60 -2.44 15.58
N LYS A 127 13.05 -1.22 15.24
CA LYS A 127 13.37 -0.16 16.20
C LYS A 127 12.07 0.32 16.90
N ILE A 128 10.98 0.46 16.12
CA ILE A 128 9.65 0.86 16.62
C ILE A 128 9.07 -0.21 17.58
N ALA A 129 9.16 -1.50 17.17
CA ALA A 129 8.75 -2.64 17.99
C ALA A 129 9.51 -2.63 19.34
N GLN A 130 10.86 -2.46 19.33
CA GLN A 130 11.72 -2.40 20.53
C GLN A 130 11.32 -1.25 21.46
N GLY A 131 11.19 -0.05 20.88
CA GLY A 131 10.78 1.16 21.59
C GLY A 131 9.44 1.02 22.26
N ALA A 132 8.42 0.57 21.54
CA ALA A 132 7.08 0.31 22.09
C ALA A 132 7.13 -0.61 23.31
N ALA A 133 7.92 -1.72 23.24
CA ALA A 133 8.09 -2.70 24.34
C ALA A 133 8.78 -2.05 25.54
N ASN A 134 9.75 -1.13 25.29
CA ASN A 134 10.40 -0.41 26.39
C ASN A 134 9.38 0.47 27.10
N GLY A 135 8.47 1.06 26.31
CA GLY A 135 7.38 1.89 26.80
C GLY A 135 6.43 1.11 27.68
N ILE A 136 5.96 -0.08 27.20
CA ILE A 136 5.06 -0.94 27.99
C ILE A 136 5.80 -1.42 29.25
N ASN A 137 7.08 -1.82 29.12
CA ASN A 137 7.85 -2.28 30.27
C ASN A 137 7.93 -1.22 31.35
N PHE A 138 8.11 0.05 30.98
CA PHE A 138 8.19 1.15 31.93
C PHE A 138 6.87 1.31 32.68
N LEU A 139 5.74 1.23 31.97
CA LEU A 139 4.40 1.34 32.54
C LEU A 139 4.13 0.22 33.56
N HIS A 140 4.46 -1.02 33.16
CA HIS A 140 4.28 -2.23 33.98
C HIS A 140 5.20 -2.22 35.21
N GLU A 141 6.45 -1.73 35.05
CA GLU A 141 7.43 -1.60 36.14
C GLU A 141 6.94 -0.60 37.17
N ASN A 142 6.06 0.32 36.74
CA ASN A 142 5.44 1.32 37.59
C ASN A 142 4.01 0.96 38.00
N HIS A 143 3.68 -0.35 37.89
CA HIS A 143 2.40 -0.98 38.25
C HIS A 143 1.17 -0.32 37.58
N HIS A 144 1.29 -0.04 36.25
CA HIS A 144 0.22 0.53 35.44
C HIS A 144 -0.10 -0.34 34.23
N ILE A 145 -1.38 -0.63 34.00
CA ILE A 145 -1.89 -1.37 32.84
C ILE A 145 -2.40 -0.31 31.88
N HIS A 146 -1.93 -0.31 30.63
CA HIS A 146 -2.35 0.65 29.61
C HIS A 146 -3.84 0.56 29.25
N ARG A 147 -4.32 -0.68 28.97
CA ARG A 147 -5.71 -1.02 28.63
C ARG A 147 -6.11 -0.69 27.17
N ASP A 148 -5.27 0.03 26.38
CA ASP A 148 -5.58 0.31 24.98
C ASP A 148 -4.33 0.37 24.07
N ILE A 149 -3.51 -0.69 24.10
CA ILE A 149 -2.32 -0.79 23.26
C ILE A 149 -2.82 -1.10 21.83
N LYS A 150 -2.47 -0.25 20.87
CA LYS A 150 -2.84 -0.39 19.45
C LYS A 150 -1.97 0.56 18.62
N SER A 151 -1.78 0.25 17.32
CA SER A 151 -0.93 1.04 16.43
C SER A 151 -1.34 2.51 16.28
N ALA A 152 -2.60 2.85 16.50
CA ALA A 152 -3.04 4.24 16.43
C ALA A 152 -2.52 5.06 17.64
N ASN A 153 -2.16 4.36 18.76
CA ASN A 153 -1.67 4.91 20.04
C ASN A 153 -0.16 4.86 20.17
N ILE A 154 0.52 4.37 19.12
CA ILE A 154 1.98 4.33 19.08
C ILE A 154 2.37 5.44 18.10
N LEU A 155 2.86 6.53 18.64
CA LEU A 155 3.23 7.67 17.82
C LEU A 155 4.72 7.67 17.52
N LEU A 156 5.12 8.44 16.49
CA LEU A 156 6.50 8.49 16.02
C LEU A 156 7.07 9.89 16.00
N ASP A 157 8.22 10.09 16.66
CA ASP A 157 8.89 11.39 16.68
C ASP A 157 9.68 11.66 15.40
N GLU A 158 10.51 12.70 15.47
CA GLU A 158 11.38 13.22 14.42
C GLU A 158 12.43 12.20 13.96
N ALA A 159 12.80 11.27 14.84
CA ALA A 159 13.77 10.20 14.59
C ALA A 159 13.09 8.84 14.46
N PHE A 160 11.74 8.81 14.43
CA PHE A 160 10.86 7.64 14.34
C PHE A 160 10.90 6.79 15.60
N THR A 161 11.11 7.44 16.75
CA THR A 161 11.08 6.79 18.05
C THR A 161 9.62 6.49 18.43
N ALA A 162 9.33 5.26 18.86
CA ALA A 162 7.99 4.89 19.29
C ALA A 162 7.71 5.50 20.64
N LYS A 163 6.56 6.16 20.75
CA LYS A 163 6.10 6.81 21.95
C LYS A 163 4.65 6.40 22.18
N ILE A 164 4.40 5.63 23.27
CA ILE A 164 3.06 5.18 23.70
C ILE A 164 2.27 6.42 24.20
N SER A 165 0.98 6.47 23.86
CA SER A 165 0.05 7.53 24.23
C SER A 165 -1.29 6.94 24.69
N ASP A 166 -2.22 7.83 25.13
CA ASP A 166 -3.59 7.55 25.59
C ASP A 166 -3.63 6.69 26.84
N PHE A 167 -3.48 7.34 28.01
CA PHE A 167 -3.51 6.75 29.36
C PHE A 167 -4.82 7.09 30.11
N GLY A 168 -5.86 7.44 29.35
CA GLY A 168 -7.18 7.76 29.87
C GLY A 168 -7.94 6.58 30.44
N LEU A 169 -7.54 5.33 30.07
CA LEU A 169 -8.15 4.09 30.54
C LEU A 169 -7.23 3.27 31.47
N ALA A 170 -6.02 3.77 31.81
CA ALA A 170 -5.04 3.08 32.67
C ALA A 170 -5.45 2.98 34.16
N TPO A 179 -5.29 -8.88 38.89
CA TPO A 179 -6.47 -9.36 38.17
CB TPO A 179 -6.31 -10.88 37.92
CG2 TPO A 179 -7.56 -11.65 37.44
OG1 TPO A 179 -5.39 -10.98 36.81
P TPO A 179 -4.00 -11.58 37.14
O1P TPO A 179 -3.25 -10.69 38.16
O2P TPO A 179 -4.12 -13.06 37.58
O3P TPO A 179 -3.17 -11.58 35.86
C TPO A 179 -7.74 -8.89 38.93
O TPO A 179 -8.06 -9.41 40.01
N VAL A 180 -8.44 -7.91 38.34
CA VAL A 180 -9.66 -7.25 38.82
C VAL A 180 -10.71 -7.12 37.68
N MET A 181 -12.01 -7.27 38.02
CA MET A 181 -13.10 -7.18 37.05
C MET A 181 -13.76 -5.81 37.00
N TPO A 182 -14.29 -5.43 35.83
CA TPO A 182 -14.95 -4.14 35.59
CB TPO A 182 -14.05 -3.15 34.74
CG2 TPO A 182 -13.59 -3.63 33.34
OG1 TPO A 182 -14.65 -1.82 34.60
P TPO A 182 -14.09 -0.60 35.41
O1P TPO A 182 -13.64 0.49 34.42
O2P TPO A 182 -12.89 -0.90 36.31
O3P TPO A 182 -15.23 -0.09 36.31
C TPO A 182 -16.35 -4.31 34.98
O TPO A 182 -16.61 -5.27 34.25
N SER A 183 -17.26 -3.35 35.28
CA SER A 183 -18.63 -3.32 34.75
C SER A 183 -18.70 -2.85 33.27
N ARG A 184 -17.78 -1.93 32.86
CA ARG A 184 -17.68 -1.40 31.50
C ARG A 184 -16.38 -1.82 30.79
N ILE A 185 -16.54 -2.63 29.73
CA ILE A 185 -15.46 -3.18 28.89
C ILE A 185 -15.04 -2.06 27.92
N VAL A 186 -13.76 -1.65 27.99
CA VAL A 186 -13.25 -0.56 27.14
C VAL A 186 -11.89 -0.90 26.50
N GLY A 187 -11.75 -0.48 25.25
CA GLY A 187 -10.60 -0.71 24.38
C GLY A 187 -11.08 -1.00 22.96
N THR A 188 -10.14 -1.31 22.01
CA THR A 188 -10.49 -1.64 20.62
C THR A 188 -10.65 -3.16 20.49
N THR A 189 -11.84 -3.64 20.11
CA THR A 189 -12.11 -5.08 20.11
C THR A 189 -11.13 -5.89 19.26
N ALA A 190 -10.68 -5.37 18.10
CA ALA A 190 -9.73 -6.07 17.21
C ALA A 190 -8.34 -6.33 17.82
N TYR A 191 -8.02 -5.60 18.92
CA TYR A 191 -6.76 -5.67 19.64
C TYR A 191 -6.89 -6.27 21.01
N MET A 192 -8.12 -6.40 21.52
CA MET A 192 -8.37 -6.88 22.87
C MET A 192 -8.19 -8.34 23.10
N ALA A 193 -7.62 -8.65 24.27
CA ALA A 193 -7.40 -10.01 24.77
C ALA A 193 -8.74 -10.66 25.13
N PRO A 194 -8.87 -12.02 25.02
CA PRO A 194 -10.16 -12.65 25.37
C PRO A 194 -10.72 -12.18 26.73
N GLU A 195 -9.90 -12.23 27.80
CA GLU A 195 -10.33 -11.84 29.14
C GLU A 195 -10.73 -10.37 29.28
N ALA A 196 -10.11 -9.50 28.46
CA ALA A 196 -10.38 -8.06 28.45
C ALA A 196 -11.79 -7.83 27.95
N LEU A 197 -12.21 -8.60 26.92
CA LEU A 197 -13.55 -8.58 26.36
C LEU A 197 -14.56 -9.15 27.37
N ARG A 198 -14.07 -9.93 28.36
CA ARG A 198 -14.89 -10.49 29.46
C ARG A 198 -14.88 -9.59 30.71
N GLY A 199 -14.20 -8.45 30.65
CA GLY A 199 -14.13 -7.51 31.77
C GLY A 199 -13.00 -7.69 32.76
N GLU A 200 -12.04 -8.58 32.47
CA GLU A 200 -10.90 -8.84 33.33
C GLU A 200 -9.74 -7.91 32.98
N ILE A 201 -9.27 -7.08 33.96
CA ILE A 201 -8.15 -6.13 33.86
C ILE A 201 -6.84 -6.79 34.35
N THR A 202 -5.88 -7.02 33.44
CA THR A 202 -4.60 -7.64 33.79
C THR A 202 -3.49 -7.09 32.91
N PRO A 203 -2.22 -6.95 33.42
CA PRO A 203 -1.14 -6.50 32.52
C PRO A 203 -0.93 -7.44 31.34
N LYS A 204 -1.42 -8.70 31.46
CA LYS A 204 -1.32 -9.74 30.42
C LYS A 204 -2.12 -9.39 29.18
N SER A 205 -3.18 -8.57 29.35
CA SER A 205 -4.02 -8.11 28.26
C SER A 205 -3.21 -7.20 27.33
N ASP A 206 -2.31 -6.37 27.92
CA ASP A 206 -1.42 -5.45 27.22
C ASP A 206 -0.44 -6.20 26.32
N ILE A 207 -0.02 -7.42 26.74
CA ILE A 207 0.87 -8.32 26.00
C ILE A 207 0.14 -8.82 24.73
N TYR A 208 -1.11 -9.31 24.90
CA TYR A 208 -1.95 -9.76 23.80
C TYR A 208 -2.09 -8.64 22.76
N SER A 209 -2.54 -7.44 23.19
CA SER A 209 -2.69 -6.25 22.34
C SER A 209 -1.38 -5.88 21.60
N PHE A 210 -0.23 -6.00 22.29
CA PHE A 210 1.08 -5.77 21.68
C PHE A 210 1.39 -6.84 20.59
N GLY A 211 0.93 -8.09 20.78
CA GLY A 211 1.09 -9.15 19.79
C GLY A 211 0.40 -8.82 18.47
N VAL A 212 -0.75 -8.15 18.54
CA VAL A 212 -1.57 -7.73 17.38
C VAL A 212 -0.82 -6.63 16.63
N VAL A 213 -0.21 -5.69 17.40
CA VAL A 213 0.60 -4.60 16.87
C VAL A 213 1.83 -5.16 16.12
N LEU A 214 2.45 -6.23 16.66
CA LEU A 214 3.58 -6.88 15.99
C LEU A 214 3.12 -7.49 14.68
N LEU A 215 1.90 -8.09 14.65
CA LEU A 215 1.33 -8.62 13.41
C LEU A 215 1.12 -7.51 12.36
N GLU A 216 0.69 -6.31 12.81
CA GLU A 216 0.49 -5.16 11.91
C GLU A 216 1.84 -4.69 11.38
N ILE A 217 2.90 -4.73 12.21
CA ILE A 217 4.27 -4.34 11.79
C ILE A 217 4.78 -5.29 10.69
N ILE A 218 4.66 -6.62 10.88
CA ILE A 218 5.13 -7.64 9.93
C ILE A 218 4.38 -7.57 8.58
N THR A 219 3.03 -7.55 8.68
CA THR A 219 2.12 -7.61 7.54
C THR A 219 1.81 -6.28 6.86
N GLY A 220 1.88 -5.17 7.60
CA GLY A 220 1.51 -3.84 7.12
C GLY A 220 0.00 -3.68 6.99
N LEU A 221 -0.76 -4.67 7.50
CA LEU A 221 -2.21 -4.77 7.49
C LEU A 221 -2.85 -4.25 8.75
N PRO A 222 -4.02 -3.59 8.63
CA PRO A 222 -4.75 -3.16 9.85
C PRO A 222 -5.37 -4.36 10.59
N ALA A 223 -5.45 -4.28 11.95
CA ALA A 223 -5.98 -5.37 12.80
C ALA A 223 -7.36 -5.89 12.40
N VAL A 224 -8.16 -4.98 11.80
CA VAL A 224 -9.50 -5.26 11.29
C VAL A 224 -9.76 -4.46 10.03
N ASP A 225 -10.37 -5.11 9.05
CA ASP A 225 -10.78 -4.52 7.79
C ASP A 225 -12.06 -5.26 7.44
N GLU A 226 -13.19 -4.53 7.39
CA GLU A 226 -14.51 -5.11 7.10
C GLU A 226 -14.64 -5.60 5.63
N HIS A 227 -13.76 -5.08 4.72
CA HIS A 227 -13.69 -5.46 3.31
C HIS A 227 -12.51 -6.41 2.99
N ARG A 228 -12.21 -7.34 3.94
CA ARG A 228 -11.10 -8.30 3.84
C ARG A 228 -11.47 -9.72 4.35
N GLU A 229 -10.79 -10.73 3.79
CA GLU A 229 -10.88 -12.14 4.13
C GLU A 229 -9.45 -12.55 4.52
N PRO A 230 -9.12 -12.76 5.83
CA PRO A 230 -9.98 -12.67 7.03
C PRO A 230 -10.15 -11.22 7.49
N GLN A 231 -11.31 -10.88 8.10
CA GLN A 231 -11.59 -9.53 8.56
C GLN A 231 -10.67 -9.14 9.72
N LEU A 232 -10.34 -10.11 10.59
CA LEU A 232 -9.46 -9.90 11.73
C LEU A 232 -8.09 -10.45 11.47
N LEU A 233 -7.08 -9.62 11.67
CA LEU A 233 -5.68 -9.97 11.46
C LEU A 233 -5.22 -11.12 12.34
N LEU A 234 -5.64 -11.18 13.64
CA LEU A 234 -5.19 -12.27 14.49
C LEU A 234 -5.74 -13.65 14.01
N ASP A 235 -6.63 -13.66 12.98
CA ASP A 235 -7.10 -14.93 12.38
C ASP A 235 -5.99 -15.56 11.52
N ILE A 236 -5.01 -14.74 11.06
CA ILE A 236 -3.90 -15.23 10.25
C ILE A 236 -2.99 -16.15 11.09
N LYS A 237 -2.85 -15.87 12.41
CA LYS A 237 -2.07 -16.68 13.37
C LYS A 237 -2.55 -18.14 13.33
N GLU A 238 -3.85 -18.33 13.08
CA GLU A 238 -4.45 -19.64 13.02
C GLU A 238 -4.30 -20.28 11.66
N GLU A 239 -4.15 -19.47 10.59
CA GLU A 239 -3.88 -20.03 9.27
C GLU A 239 -2.42 -20.56 9.23
N ILE A 240 -1.50 -19.81 9.86
CA ILE A 240 -0.08 -20.18 9.98
C ILE A 240 0.06 -21.43 10.90
N GLU A 241 -0.55 -21.38 12.12
CA GLU A 241 -0.55 -22.47 13.10
C GLU A 241 -1.15 -23.77 12.55
N ASP A 242 -2.27 -23.67 11.80
CA ASP A 242 -2.90 -24.86 11.21
C ASP A 242 -2.33 -25.18 9.79
N GLU A 243 -1.08 -24.74 9.55
CA GLU A 243 -0.21 -24.96 8.36
C GLU A 243 -0.86 -24.60 6.99
N GLU A 244 -2.04 -23.92 7.00
CA GLU A 244 -2.74 -23.45 5.78
C GLU A 244 -1.81 -22.52 4.96
N LYS A 245 -1.13 -21.58 5.65
CA LYS A 245 -0.20 -20.60 5.10
C LYS A 245 1.05 -20.48 5.99
N THR A 246 2.02 -19.63 5.60
CA THR A 246 3.23 -19.33 6.37
C THR A 246 3.33 -17.82 6.64
N ILE A 247 4.22 -17.39 7.54
CA ILE A 247 4.36 -15.96 7.83
C ILE A 247 4.87 -15.21 6.58
N GLU A 248 5.65 -15.92 5.74
CA GLU A 248 6.21 -15.41 4.49
C GLU A 248 5.13 -14.99 3.49
N ASP A 249 3.98 -15.64 3.48
CA ASP A 249 2.89 -15.30 2.56
C ASP A 249 2.22 -13.98 2.98
N TYR A 250 2.46 -13.51 4.21
CA TYR A 250 1.83 -12.31 4.76
C TYR A 250 2.75 -11.10 5.00
N ILE A 251 4.10 -11.29 4.92
CA ILE A 251 5.09 -10.22 5.08
C ILE A 251 4.70 -9.04 4.19
N ASP A 252 4.70 -7.79 4.73
CA ASP A 252 4.43 -6.58 3.97
C ASP A 252 5.32 -6.50 2.72
N LYS A 253 4.70 -6.54 1.56
CA LYS A 253 5.40 -6.48 0.27
C LYS A 253 5.97 -5.08 0.00
N LYS A 254 5.64 -4.09 0.85
CA LYS A 254 6.16 -2.73 0.73
C LYS A 254 7.52 -2.52 1.45
N MET A 255 8.27 -3.60 1.64
CA MET A 255 9.61 -3.56 2.26
C MET A 255 10.59 -4.18 1.27
N ASN A 256 11.83 -3.75 1.26
CA ASN A 256 12.84 -4.39 0.39
C ASN A 256 13.97 -5.05 1.22
N ASP A 257 14.02 -4.69 2.53
CA ASP A 257 15.04 -5.10 3.51
C ASP A 257 14.61 -6.16 4.58
N ALA A 258 13.49 -6.85 4.43
CA ALA A 258 13.19 -7.83 5.47
C ALA A 258 13.98 -9.15 5.27
N ASP A 259 14.20 -9.94 6.34
CA ASP A 259 14.89 -11.24 6.21
C ASP A 259 14.10 -12.26 7.01
N SER A 260 14.04 -13.49 6.51
CA SER A 260 13.31 -14.60 7.11
C SER A 260 13.56 -14.81 8.61
N THR A 261 14.82 -14.72 9.04
CA THR A 261 15.26 -14.95 10.41
C THR A 261 14.63 -13.95 11.38
N SER A 262 14.84 -12.63 11.18
CA SER A 262 14.25 -11.61 12.06
C SER A 262 12.75 -11.54 11.92
N VAL A 263 12.22 -11.83 10.72
CA VAL A 263 10.79 -11.82 10.53
C VAL A 263 10.16 -12.97 11.31
N GLU A 264 10.74 -14.18 11.23
CA GLU A 264 10.31 -15.37 11.98
C GLU A 264 10.45 -15.15 13.48
N ALA A 265 11.51 -14.44 13.91
CA ALA A 265 11.78 -14.10 15.30
C ALA A 265 10.68 -13.17 15.85
N MET A 266 10.30 -12.10 15.09
CA MET A 266 9.22 -11.21 15.51
C MET A 266 7.87 -11.93 15.49
N TYR A 267 7.62 -12.80 14.46
CA TYR A 267 6.39 -13.58 14.43
C TYR A 267 6.29 -14.51 15.64
N SER A 268 7.42 -15.14 16.04
CA SER A 268 7.47 -16.02 17.21
C SER A 268 7.04 -15.27 18.47
N VAL A 269 7.51 -14.00 18.64
CA VAL A 269 7.11 -13.17 19.78
C VAL A 269 5.60 -12.91 19.74
N ALA A 270 5.05 -12.52 18.57
CA ALA A 270 3.62 -12.20 18.39
C ALA A 270 2.76 -13.39 18.74
N SER A 271 3.14 -14.58 18.21
CA SER A 271 2.53 -15.89 18.42
C SER A 271 2.45 -16.18 19.95
N GLN A 272 3.56 -15.97 20.67
CA GLN A 272 3.68 -16.14 22.11
C GLN A 272 2.76 -15.17 22.88
N CYS A 273 2.68 -13.91 22.41
CA CYS A 273 1.86 -12.84 22.98
C CYS A 273 0.38 -13.17 22.83
N LEU A 274 0.00 -13.77 21.68
CA LEU A 274 -1.37 -14.07 21.27
C LEU A 274 -1.95 -15.40 21.78
N HIS A 275 -1.37 -15.96 22.87
CA HIS A 275 -1.89 -17.14 23.57
C HIS A 275 -3.27 -16.80 24.11
N GLU A 276 -4.20 -17.73 24.00
CA GLU A 276 -5.54 -17.46 24.52
C GLU A 276 -5.57 -17.49 26.05
N LYS A 277 -4.68 -18.29 26.67
CA LYS A 277 -4.53 -18.43 28.12
C LYS A 277 -3.49 -17.40 28.60
N LYS A 278 -3.93 -16.37 29.35
CA LYS A 278 -3.09 -15.25 29.84
C LYS A 278 -1.82 -15.69 30.57
N ASN A 279 -1.87 -16.78 31.32
CA ASN A 279 -0.72 -17.30 32.06
C ASN A 279 0.35 -17.93 31.15
N LYS A 280 -0.02 -18.27 29.89
CA LYS A 280 0.87 -18.86 28.89
C LYS A 280 1.63 -17.80 28.05
N ARG A 281 1.24 -16.53 28.19
CA ARG A 281 1.83 -15.39 27.49
C ARG A 281 3.10 -14.92 28.23
N PRO A 282 4.10 -14.34 27.52
CA PRO A 282 5.30 -13.88 28.23
C PRO A 282 5.08 -12.53 28.93
N ASP A 283 5.89 -12.22 29.96
CA ASP A 283 5.78 -10.91 30.59
C ASP A 283 6.50 -9.93 29.68
N ILE A 284 6.21 -8.63 29.79
CA ILE A 284 6.81 -7.60 28.92
C ILE A 284 8.36 -7.63 28.95
N LYS A 285 8.97 -7.97 30.12
CA LYS A 285 10.41 -8.08 30.29
C LYS A 285 10.98 -9.18 29.36
N LYS A 286 10.34 -10.37 29.32
CA LYS A 286 10.72 -11.46 28.41
C LYS A 286 10.49 -11.03 26.95
N VAL A 287 9.42 -10.24 26.70
CA VAL A 287 9.13 -9.71 25.36
C VAL A 287 10.27 -8.81 24.88
N GLN A 288 10.72 -7.84 25.74
CA GLN A 288 11.82 -6.89 25.43
C GLN A 288 13.08 -7.66 25.01
N GLN A 289 13.48 -8.62 25.89
CA GLN A 289 14.61 -9.52 25.77
C GLN A 289 14.62 -10.23 24.40
N LEU A 290 13.45 -10.76 23.99
CA LEU A 290 13.29 -11.48 22.73
C LEU A 290 13.44 -10.58 21.52
N LEU A 291 12.94 -9.33 21.61
CA LEU A 291 13.02 -8.33 20.54
C LEU A 291 14.45 -7.82 20.42
N GLN A 292 15.16 -7.75 21.56
CA GLN A 292 16.57 -7.37 21.69
C GLN A 292 17.44 -8.45 21.02
N GLU A 293 17.18 -9.74 21.32
CA GLU A 293 17.87 -10.89 20.74
C GLU A 293 17.73 -10.88 19.20
N MET A 294 16.53 -10.54 18.70
CA MET A 294 16.15 -10.44 17.30
C MET A 294 17.16 -9.57 16.46
N THR A 295 17.75 -8.53 17.09
CA THR A 295 18.76 -7.65 16.46
C THR A 295 20.06 -7.63 17.30
N ARG B 1 17.04 -2.93 -38.05
CA ARG B 1 15.89 -3.38 -37.26
C ARG B 1 16.33 -3.88 -35.84
N PHE B 2 16.16 -5.19 -35.53
CA PHE B 2 16.52 -5.78 -34.23
C PHE B 2 17.66 -6.80 -34.35
N HIS B 3 18.52 -6.85 -33.34
CA HIS B 3 19.63 -7.79 -33.34
C HIS B 3 19.20 -9.20 -32.90
N SER B 4 19.71 -10.24 -33.59
CA SER B 4 19.41 -11.65 -33.31
C SER B 4 20.50 -12.25 -32.40
N PHE B 5 20.20 -12.33 -31.09
CA PHE B 5 21.09 -12.81 -30.02
C PHE B 5 21.17 -14.34 -29.86
N SER B 6 22.31 -14.81 -29.31
CA SER B 6 22.50 -16.21 -28.97
C SER B 6 22.03 -16.35 -27.54
N PHE B 7 21.65 -17.58 -27.15
CA PHE B 7 21.11 -17.84 -25.83
C PHE B 7 22.11 -17.54 -24.70
N TYR B 8 23.34 -18.11 -24.75
CA TYR B 8 24.39 -17.85 -23.74
C TYR B 8 24.56 -16.35 -23.45
N GLU B 9 24.76 -15.53 -24.52
CA GLU B 9 24.95 -14.07 -24.47
C GLU B 9 24.19 -13.47 -23.27
N LEU B 10 22.89 -13.87 -23.15
CA LEU B 10 21.82 -13.46 -22.25
C LEU B 10 21.79 -14.15 -20.86
N LYS B 11 22.31 -15.37 -20.80
CA LYS B 11 22.48 -16.16 -19.58
C LYS B 11 23.56 -15.44 -18.74
N ASN B 12 24.69 -15.11 -19.39
CA ASN B 12 25.88 -14.45 -18.81
C ASN B 12 25.68 -12.96 -18.43
N VAL B 13 24.75 -12.23 -19.07
CA VAL B 13 24.47 -10.81 -18.75
C VAL B 13 23.70 -10.68 -17.41
N THR B 14 22.79 -11.64 -17.18
CA THR B 14 21.89 -11.79 -16.04
C THR B 14 22.54 -12.66 -14.94
N ASN B 15 23.91 -12.76 -14.94
CA ASN B 15 24.73 -13.55 -13.99
C ASN B 15 24.05 -14.93 -13.91
N ASN B 16 24.07 -15.65 -15.07
CA ASN B 16 23.43 -16.95 -15.33
C ASN B 16 21.99 -17.00 -14.79
N PHE B 17 21.06 -16.31 -15.50
CA PHE B 17 19.64 -16.26 -15.19
C PHE B 17 19.35 -16.28 -13.64
N ASP B 18 20.18 -15.51 -12.84
CA ASP B 18 20.16 -15.33 -11.37
C ASP B 18 18.72 -15.04 -10.88
N GLU B 19 18.05 -16.10 -10.34
CA GLU B 19 16.64 -16.10 -9.92
C GLU B 19 16.35 -15.34 -8.59
N ARG B 20 17.38 -14.74 -7.99
CA ARG B 20 17.30 -13.95 -6.75
C ARG B 20 16.78 -12.52 -7.08
N PRO B 21 15.95 -11.88 -6.19
CA PRO B 21 15.45 -10.52 -6.49
C PRO B 21 16.54 -9.46 -6.51
N ILE B 22 16.35 -8.41 -7.32
CA ILE B 22 17.30 -7.27 -7.47
C ILE B 22 17.57 -6.57 -6.15
N SER B 23 16.48 -6.33 -5.36
CA SER B 23 16.43 -5.64 -4.06
C SER B 23 17.38 -6.23 -2.99
N VAL B 24 17.81 -7.49 -3.22
CA VAL B 24 18.68 -8.31 -2.37
C VAL B 24 20.05 -8.55 -3.07
N GLY B 25 20.14 -8.17 -4.34
CA GLY B 25 21.37 -8.31 -5.11
C GLY B 25 21.39 -9.36 -6.20
N GLY B 26 20.22 -9.87 -6.58
CA GLY B 26 20.08 -10.85 -7.65
C GLY B 26 19.69 -10.23 -8.97
N ASN B 27 19.34 -11.07 -9.98
CA ASN B 27 18.97 -10.60 -11.32
C ASN B 27 17.45 -10.71 -11.66
N LYS B 28 16.63 -11.37 -10.83
CA LYS B 28 15.20 -11.55 -11.13
C LYS B 28 14.32 -10.40 -10.71
N MET B 29 13.56 -9.84 -11.67
CA MET B 29 12.57 -8.79 -11.42
C MET B 29 11.26 -9.52 -11.21
N GLY B 30 11.04 -10.57 -11.99
CA GLY B 30 9.88 -11.43 -11.86
C GLY B 30 9.19 -11.79 -13.14
N GLU B 31 7.85 -11.85 -13.03
CA GLU B 31 6.83 -12.17 -14.00
C GLU B 31 5.98 -10.88 -14.25
N GLY B 32 5.74 -10.44 -15.49
CA GLY B 32 6.08 -11.09 -16.76
C GLY B 32 4.81 -11.56 -17.43
N GLY B 33 4.65 -11.22 -18.71
CA GLY B 33 3.46 -11.57 -19.49
C GLY B 33 3.25 -13.07 -19.58
N PHE B 34 3.98 -13.69 -20.51
CA PHE B 34 3.96 -15.13 -20.71
C PHE B 34 5.38 -15.58 -20.53
N GLY B 35 5.98 -15.15 -19.44
CA GLY B 35 7.37 -15.50 -19.16
C GLY B 35 7.98 -14.73 -18.01
N VAL B 36 9.27 -15.00 -17.79
CA VAL B 36 10.10 -14.40 -16.75
C VAL B 36 11.01 -13.38 -17.35
N VAL B 37 11.20 -12.29 -16.60
CA VAL B 37 12.01 -11.16 -17.01
C VAL B 37 13.15 -11.01 -16.01
N TYR B 38 14.41 -10.98 -16.54
CA TYR B 38 15.64 -10.77 -15.77
C TYR B 38 16.38 -9.52 -16.27
N LYS B 39 16.93 -8.72 -15.32
CA LYS B 39 17.73 -7.51 -15.55
C LYS B 39 19.11 -7.98 -15.93
N GLY B 40 19.56 -7.57 -17.10
CA GLY B 40 20.87 -7.92 -17.63
C GLY B 40 21.51 -6.71 -18.28
N TYR B 41 22.82 -6.54 -18.12
CA TYR B 41 23.52 -5.41 -18.71
C TYR B 41 24.22 -5.88 -19.98
N VAL B 42 23.82 -5.38 -21.18
CA VAL B 42 24.51 -5.77 -22.44
C VAL B 42 25.27 -4.56 -23.09
N ASN B 43 26.58 -4.47 -22.81
CA ASN B 43 27.46 -3.42 -23.30
C ASN B 43 27.09 -2.07 -22.68
N ASN B 44 26.96 -2.06 -21.36
CA ASN B 44 26.62 -0.90 -20.53
C ASN B 44 25.19 -0.44 -20.69
N THR B 45 24.42 -1.00 -21.66
CA THR B 45 22.99 -0.73 -21.79
C THR B 45 22.23 -1.74 -20.95
N THR B 46 21.39 -1.25 -20.02
CA THR B 46 20.60 -2.16 -19.18
C THR B 46 19.41 -2.65 -19.97
N VAL B 47 19.22 -3.97 -20.02
CA VAL B 47 18.14 -4.57 -20.77
C VAL B 47 17.18 -5.44 -19.89
N ALA B 48 15.95 -5.64 -20.39
CA ALA B 48 14.94 -6.47 -19.76
C ALA B 48 14.83 -7.63 -20.69
N VAL B 49 15.28 -8.82 -20.24
CA VAL B 49 15.26 -9.99 -21.11
C VAL B 49 14.07 -10.79 -20.70
N LYS B 50 13.13 -11.00 -21.64
CA LYS B 50 11.92 -11.77 -21.41
C LYS B 50 12.10 -13.20 -21.90
N LYS B 51 12.50 -14.02 -20.93
CA LYS B 51 12.72 -15.46 -20.99
C LYS B 51 11.30 -16.03 -20.93
N LEU B 52 10.71 -16.41 -22.10
CA LEU B 52 9.34 -16.94 -22.19
C LEU B 52 9.14 -18.28 -21.47
N THR B 59 1.06 -21.75 -23.96
CA THR B 59 0.78 -23.14 -24.36
C THR B 59 1.65 -23.53 -25.62
N THR B 60 1.56 -24.80 -26.08
CA THR B 60 2.36 -25.37 -27.19
C THR B 60 2.18 -24.65 -28.55
N GLU B 61 3.31 -24.15 -29.15
CA GLU B 61 3.41 -23.45 -30.45
C GLU B 61 2.62 -22.12 -30.52
N GLU B 62 1.68 -21.90 -29.57
CA GLU B 62 0.87 -20.69 -29.44
C GLU B 62 1.77 -19.55 -28.93
N LEU B 63 2.77 -19.92 -28.09
CA LEU B 63 3.80 -19.05 -27.52
C LEU B 63 4.78 -18.60 -28.60
N LYS B 64 5.00 -19.44 -29.64
CA LYS B 64 5.89 -19.13 -30.78
C LYS B 64 5.28 -18.03 -31.64
N GLN B 65 3.94 -18.10 -31.86
CA GLN B 65 3.18 -17.11 -32.64
C GLN B 65 3.13 -15.77 -31.90
N GLN B 66 3.04 -15.83 -30.57
CA GLN B 66 3.02 -14.66 -29.68
C GLN B 66 4.40 -13.96 -29.66
N PHE B 67 5.48 -14.76 -29.79
CA PHE B 67 6.87 -14.29 -29.87
C PHE B 67 7.00 -13.52 -31.19
N ASP B 68 6.48 -14.12 -32.30
CA ASP B 68 6.45 -13.55 -33.64
C ASP B 68 5.64 -12.26 -33.71
N GLN B 69 4.49 -12.19 -32.99
CA GLN B 69 3.61 -11.02 -33.01
C GLN B 69 4.23 -9.78 -32.35
N GLU B 70 4.96 -9.96 -31.23
CA GLU B 70 5.63 -8.85 -30.54
C GLU B 70 6.61 -8.16 -31.50
N ILE B 71 7.44 -8.96 -32.22
CA ILE B 71 8.46 -8.52 -33.20
C ILE B 71 7.83 -7.75 -34.38
N LYS B 72 6.70 -8.24 -34.92
CA LYS B 72 5.97 -7.61 -36.04
C LYS B 72 5.41 -6.24 -35.64
N VAL B 73 4.71 -6.15 -34.46
CA VAL B 73 4.15 -4.92 -33.92
C VAL B 73 5.27 -3.95 -33.57
N MET B 74 6.34 -4.44 -32.90
CA MET B 74 7.51 -3.61 -32.50
C MET B 74 8.26 -3.00 -33.68
N ALA B 75 8.30 -3.72 -34.81
CA ALA B 75 8.94 -3.29 -36.05
C ALA B 75 8.20 -2.11 -36.67
N LYS B 76 6.86 -2.14 -36.60
CA LYS B 76 6.01 -1.10 -37.16
C LYS B 76 5.70 0.08 -36.21
N CYS B 77 5.82 -0.15 -34.88
CA CYS B 77 5.44 0.86 -33.91
C CYS B 77 6.54 1.30 -32.96
N GLN B 78 6.99 2.55 -33.16
CA GLN B 78 8.01 3.24 -32.35
C GLN B 78 7.41 4.54 -31.84
N HIS B 79 7.32 4.66 -30.52
CA HIS B 79 6.71 5.81 -29.86
C HIS B 79 7.27 5.98 -28.45
N GLU B 80 7.36 7.23 -27.93
CA GLU B 80 7.87 7.42 -26.56
C GLU B 80 7.00 6.79 -25.52
N ASN B 81 5.73 6.45 -25.81
CA ASN B 81 4.89 5.80 -24.83
C ASN B 81 4.71 4.28 -25.06
N LEU B 82 5.64 3.66 -25.82
CA LEU B 82 5.69 2.20 -26.02
C LEU B 82 7.10 1.79 -25.62
N VAL B 83 7.28 0.59 -25.02
CA VAL B 83 8.61 0.07 -24.67
C VAL B 83 9.45 -0.15 -25.95
N GLU B 84 10.76 -0.26 -25.84
CA GLU B 84 11.57 -0.45 -27.04
C GLU B 84 12.14 -1.85 -27.13
N LEU B 85 11.97 -2.52 -28.28
CA LEU B 85 12.53 -3.85 -28.51
C LEU B 85 13.89 -3.68 -29.15
N LEU B 86 14.92 -4.22 -28.50
CA LEU B 86 16.28 -4.14 -29.02
C LEU B 86 16.59 -5.36 -29.90
N GLY B 87 16.21 -6.54 -29.39
CA GLY B 87 16.37 -7.82 -30.05
C GLY B 87 15.61 -8.97 -29.40
N PHE B 88 16.10 -10.20 -29.65
CA PHE B 88 15.52 -11.48 -29.21
C PHE B 88 16.54 -12.65 -29.29
N SER B 89 16.11 -13.85 -28.87
CA SER B 89 16.89 -15.08 -28.92
C SER B 89 15.95 -16.26 -29.23
N SER B 90 15.67 -16.45 -30.54
CA SER B 90 14.76 -17.46 -31.11
C SER B 90 15.37 -18.86 -31.35
N ASP B 91 16.67 -19.01 -31.07
CA ASP B 91 17.51 -20.20 -31.29
C ASP B 91 16.93 -21.54 -30.76
N GLY B 92 16.94 -21.74 -29.44
CA GLY B 92 16.46 -22.97 -28.82
C GLY B 92 15.02 -22.95 -28.35
N ASP B 93 14.62 -24.03 -27.65
CA ASP B 93 13.27 -24.20 -27.12
C ASP B 93 12.90 -23.14 -26.07
N ASP B 94 13.90 -22.35 -25.63
CA ASP B 94 13.62 -21.25 -24.72
C ASP B 94 13.75 -19.96 -25.56
N LEU B 95 12.66 -19.16 -25.62
CA LEU B 95 12.64 -17.92 -26.41
C LEU B 95 12.76 -16.65 -25.56
N CYS B 96 13.78 -15.80 -25.89
CA CYS B 96 14.05 -14.55 -25.15
C CYS B 96 13.67 -13.26 -25.95
N LEU B 97 13.19 -12.20 -25.27
CA LEU B 97 12.88 -10.92 -25.95
C LEU B 97 13.61 -9.83 -25.20
N VAL B 98 14.45 -9.04 -25.91
CA VAL B 98 15.30 -8.04 -25.26
C VAL B 98 14.74 -6.62 -25.47
N TYR B 99 14.58 -5.87 -24.35
CA TYR B 99 14.02 -4.52 -24.35
C TYR B 99 14.89 -3.53 -23.61
N VAL B 100 14.62 -2.21 -23.79
CA VAL B 100 15.32 -1.20 -23.00
C VAL B 100 14.67 -1.29 -21.63
N TYR B 101 15.49 -1.50 -20.60
CA TYR B 101 15.05 -1.66 -19.22
C TYR B 101 14.29 -0.44 -18.65
N MET B 102 13.11 -0.69 -18.05
CA MET B 102 12.28 0.34 -17.40
C MET B 102 12.59 0.32 -15.92
N PRO B 103 13.41 1.30 -15.47
CA PRO B 103 13.87 1.32 -14.05
C PRO B 103 12.81 1.43 -12.98
N ASN B 104 11.60 1.91 -13.31
CA ASN B 104 10.59 2.06 -12.29
C ASN B 104 9.50 0.97 -12.37
N GLY B 105 9.86 -0.16 -13.02
CA GLY B 105 8.99 -1.32 -13.17
C GLY B 105 7.63 -1.02 -13.75
N SER B 106 6.59 -1.73 -13.26
CA SER B 106 5.23 -1.54 -13.73
C SER B 106 4.42 -0.56 -12.85
N LEU B 107 3.36 0.01 -13.42
CA LEU B 107 2.43 0.90 -12.74
C LEU B 107 1.76 0.13 -11.57
N LEU B 108 1.47 -1.16 -11.80
CA LEU B 108 0.88 -2.04 -10.82
C LEU B 108 1.73 -2.12 -9.56
N ASP B 109 3.04 -2.34 -9.72
CA ASP B 109 4.00 -2.42 -8.64
C ASP B 109 4.11 -1.08 -7.87
N ARG B 110 4.10 0.05 -8.61
CA ARG B 110 4.20 1.39 -8.04
C ARG B 110 2.94 1.82 -7.30
N LEU B 111 1.74 1.40 -7.79
CA LEU B 111 0.47 1.68 -7.12
C LEU B 111 0.36 0.88 -5.80
N SER B 112 1.07 -0.26 -5.71
CA SER B 112 1.06 -1.08 -4.52
C SER B 112 2.33 -0.89 -3.65
N CYS B 113 3.20 0.11 -4.00
CA CYS B 113 4.45 0.49 -3.32
C CYS B 113 5.35 -0.69 -3.05
N LEU B 114 5.41 -1.60 -4.00
CA LEU B 114 6.22 -2.80 -3.93
C LEU B 114 7.71 -2.46 -3.73
N ASP B 115 8.36 -3.15 -2.79
CA ASP B 115 9.77 -2.99 -2.44
C ASP B 115 10.11 -1.60 -1.84
N GLY B 116 9.16 -1.04 -1.07
CA GLY B 116 9.30 0.21 -0.35
C GLY B 116 9.39 1.48 -1.18
N THR B 117 8.92 1.43 -2.42
CA THR B 117 8.93 2.62 -3.28
C THR B 117 7.86 3.57 -2.75
N PRO B 118 8.08 4.90 -2.72
CA PRO B 118 7.05 5.78 -2.13
C PRO B 118 5.77 5.84 -2.98
N PRO B 119 4.58 6.18 -2.41
CA PRO B 119 3.38 6.24 -3.27
C PRO B 119 3.49 7.31 -4.35
N LEU B 120 2.92 7.07 -5.52
CA LEU B 120 2.90 8.05 -6.60
C LEU B 120 1.92 9.17 -6.23
N SER B 121 2.33 10.39 -6.46
CA SER B 121 1.47 11.54 -6.21
C SER B 121 0.35 11.57 -7.24
N TRP B 122 -0.70 12.36 -6.97
CA TRP B 122 -1.80 12.57 -7.88
C TRP B 122 -1.29 13.17 -9.17
N HIS B 123 -0.37 14.15 -9.06
CA HIS B 123 0.26 14.80 -10.20
C HIS B 123 0.98 13.80 -11.10
N MET B 124 1.74 12.89 -10.48
CA MET B 124 2.44 11.84 -11.20
C MET B 124 1.43 10.93 -11.93
N ARG B 125 0.36 10.52 -11.22
CA ARG B 125 -0.69 9.63 -11.74
C ARG B 125 -1.41 10.20 -12.99
N CYS B 126 -1.66 11.52 -13.00
CA CYS B 126 -2.25 12.21 -14.15
C CYS B 126 -1.31 12.16 -15.37
N LYS B 127 0.02 12.34 -15.15
CA LYS B 127 1.05 12.30 -16.20
C LYS B 127 1.14 10.87 -16.81
N ILE B 128 1.07 9.84 -15.96
CA ILE B 128 1.09 8.44 -16.35
C ILE B 128 -0.14 8.08 -17.21
N ALA B 129 -1.35 8.48 -16.77
CA ALA B 129 -2.59 8.30 -17.50
C ALA B 129 -2.48 8.97 -18.90
N GLN B 130 -2.02 10.25 -18.96
CA GLN B 130 -1.85 10.99 -20.23
C GLN B 130 -0.89 10.22 -21.20
N GLY B 131 0.30 9.83 -20.70
CA GLY B 131 1.28 9.03 -21.44
C GLY B 131 0.73 7.72 -21.97
N ALA B 132 0.09 6.92 -21.10
CA ALA B 132 -0.57 5.66 -21.48
C ALA B 132 -1.58 5.85 -22.61
N ALA B 133 -2.42 6.91 -22.54
CA ALA B 133 -3.43 7.22 -23.56
C ALA B 133 -2.75 7.61 -24.88
N ASN B 134 -1.57 8.33 -24.81
CA ASN B 134 -0.83 8.67 -26.04
C ASN B 134 -0.32 7.39 -26.69
N GLY B 135 0.09 6.43 -25.87
CA GLY B 135 0.53 5.12 -26.30
C GLY B 135 -0.56 4.33 -26.99
N ILE B 136 -1.76 4.24 -26.37
CA ILE B 136 -2.90 3.56 -26.99
C ILE B 136 -3.32 4.28 -28.28
N ASN B 137 -3.35 5.62 -28.25
CA ASN B 137 -3.71 6.39 -29.43
C ASN B 137 -2.80 6.10 -30.61
N PHE B 138 -1.47 5.98 -30.36
CA PHE B 138 -0.50 5.66 -31.41
C PHE B 138 -0.77 4.29 -32.01
N LEU B 139 -1.05 3.28 -31.18
CA LEU B 139 -1.36 1.92 -31.61
C LEU B 139 -2.61 1.87 -32.48
N HIS B 140 -3.68 2.55 -32.02
CA HIS B 140 -4.98 2.62 -32.71
C HIS B 140 -4.87 3.40 -34.02
N GLU B 141 -4.07 4.50 -34.04
CA GLU B 141 -3.83 5.30 -35.24
C GLU B 141 -3.11 4.47 -36.29
N ASN B 142 -2.39 3.42 -35.85
CA ASN B 142 -1.68 2.49 -36.72
C ASN B 142 -2.46 1.19 -36.92
N HIS B 143 -3.79 1.23 -36.66
CA HIS B 143 -4.75 0.14 -36.83
C HIS B 143 -4.34 -1.16 -36.09
N HIS B 144 -3.91 -1.02 -34.82
CA HIS B 144 -3.54 -2.13 -33.94
C HIS B 144 -4.31 -2.11 -32.65
N ILE B 145 -4.91 -3.26 -32.28
CA ILE B 145 -5.64 -3.44 -31.02
C ILE B 145 -4.67 -4.16 -30.10
N HIS B 146 -4.41 -3.60 -28.92
CA HIS B 146 -3.48 -4.17 -27.93
C HIS B 146 -3.94 -5.53 -27.40
N ARG B 147 -5.22 -5.62 -26.98
CA ARG B 147 -5.89 -6.83 -26.45
C ARG B 147 -5.53 -7.18 -24.98
N ASP B 148 -4.53 -6.50 -24.35
CA ASP B 148 -4.19 -6.76 -22.96
C ASP B 148 -3.70 -5.50 -22.21
N ILE B 149 -4.50 -4.44 -22.25
CA ILE B 149 -4.21 -3.20 -21.53
C ILE B 149 -4.48 -3.50 -20.04
N LYS B 150 -3.47 -3.30 -19.18
CA LYS B 150 -3.55 -3.52 -17.74
C LYS B 150 -2.33 -2.86 -17.08
N SER B 151 -2.43 -2.51 -15.78
CA SER B 151 -1.37 -1.81 -15.06
C SER B 151 -0.06 -2.57 -14.97
N ALA B 152 -0.08 -3.89 -15.07
CA ALA B 152 1.16 -4.67 -15.07
C ALA B 152 1.95 -4.48 -16.38
N ASN B 153 1.26 -4.07 -17.48
CA ASN B 153 1.77 -3.85 -18.84
C ASN B 153 2.08 -2.39 -19.13
N ILE B 154 1.87 -1.51 -18.14
CA ILE B 154 2.22 -0.11 -18.25
C ILE B 154 3.49 0.06 -17.41
N LEU B 155 4.62 0.19 -18.09
CA LEU B 155 5.89 0.32 -17.42
C LEU B 155 6.30 1.77 -17.26
N LEU B 156 7.23 2.05 -16.34
CA LEU B 156 7.68 3.40 -16.04
C LEU B 156 9.19 3.57 -16.19
N ASP B 157 9.61 4.57 -16.99
CA ASP B 157 11.05 4.88 -17.14
C ASP B 157 11.59 5.68 -15.94
N GLU B 158 12.87 6.12 -15.99
CA GLU B 158 13.49 6.88 -14.91
C GLU B 158 12.75 8.20 -14.62
N ALA B 159 12.09 8.81 -15.64
CA ALA B 159 11.31 10.04 -15.50
C ALA B 159 9.84 9.77 -15.21
N PHE B 160 9.48 8.49 -15.05
CA PHE B 160 8.12 7.96 -14.79
C PHE B 160 7.20 8.11 -15.98
N THR B 161 7.81 8.04 -17.19
CA THR B 161 7.07 8.06 -18.45
C THR B 161 6.38 6.71 -18.65
N ALA B 162 5.07 6.73 -18.93
CA ALA B 162 4.31 5.50 -19.17
C ALA B 162 4.71 4.95 -20.52
N LYS B 163 5.01 3.66 -20.54
CA LYS B 163 5.40 2.93 -21.74
C LYS B 163 4.59 1.65 -21.78
N ILE B 164 3.69 1.52 -22.77
CA ILE B 164 2.85 0.32 -23.01
C ILE B 164 3.78 -0.82 -23.51
N SER B 165 3.51 -2.03 -23.05
CA SER B 165 4.26 -3.26 -23.40
C SER B 165 3.31 -4.40 -23.67
N ASP B 166 3.85 -5.54 -24.15
CA ASP B 166 3.12 -6.78 -24.43
C ASP B 166 2.18 -6.69 -25.61
N PHE B 167 2.74 -6.90 -26.79
CA PHE B 167 2.02 -6.87 -28.06
C PHE B 167 1.93 -8.30 -28.66
N GLY B 168 2.08 -9.33 -27.81
CA GLY B 168 2.00 -10.74 -28.17
C GLY B 168 0.61 -11.20 -28.57
N LEU B 169 -0.43 -10.43 -28.15
CA LEU B 169 -1.84 -10.72 -28.46
C LEU B 169 -2.46 -9.67 -29.38
N ALA B 170 -1.71 -8.58 -29.67
CA ALA B 170 -2.11 -7.46 -30.51
C ALA B 170 -2.66 -7.87 -31.86
N ARG B 171 -3.68 -7.15 -32.34
CA ARG B 171 -4.36 -7.44 -33.59
C ARG B 171 -4.27 -6.31 -34.61
N ALA B 172 -3.82 -6.64 -35.81
CA ALA B 172 -3.69 -5.71 -36.91
C ALA B 172 -4.99 -5.71 -37.74
N SER B 173 -5.63 -4.51 -37.84
CA SER B 173 -6.90 -4.29 -38.56
C SER B 173 -6.73 -3.27 -39.69
N TPO B 179 -15.47 -5.25 -36.47
CA TPO B 179 -15.32 -6.27 -35.42
CB TPO B 179 -16.61 -6.41 -34.53
CG2 TPO B 179 -16.33 -6.84 -33.08
OG1 TPO B 179 -17.43 -5.22 -34.47
P TPO B 179 -18.88 -5.40 -35.02
O1P TPO B 179 -19.59 -4.08 -34.75
O2P TPO B 179 -18.91 -5.65 -36.54
O3P TPO B 179 -19.68 -6.48 -34.28
C TPO B 179 -14.99 -7.64 -36.02
O TPO B 179 -15.41 -7.93 -37.14
N VAL B 180 -14.23 -8.46 -35.26
CA VAL B 180 -13.87 -9.83 -35.68
C VAL B 180 -13.87 -10.78 -34.44
N MET B 181 -14.36 -12.02 -34.61
CA MET B 181 -14.43 -13.02 -33.55
C MET B 181 -13.26 -14.00 -33.57
N TPO B 182 -12.88 -14.52 -32.39
CA TPO B 182 -11.78 -15.47 -32.20
CB TPO B 182 -10.50 -14.80 -31.55
CG2 TPO B 182 -10.71 -14.13 -30.15
OG1 TPO B 182 -9.37 -15.73 -31.45
P TPO B 182 -8.13 -15.53 -32.40
O1P TPO B 182 -6.87 -15.31 -31.52
O2P TPO B 182 -8.23 -14.36 -33.40
O3P TPO B 182 -8.01 -16.82 -33.23
C TPO B 182 -12.21 -16.74 -31.46
O TPO B 182 -13.13 -16.68 -30.63
N SER B 183 -11.54 -17.88 -31.74
CA SER B 183 -11.81 -19.18 -31.10
C SER B 183 -11.22 -19.26 -29.66
N ARG B 184 -10.07 -18.58 -29.42
CA ARG B 184 -9.38 -18.53 -28.12
C ARG B 184 -9.40 -17.11 -27.49
N ILE B 185 -10.12 -17.00 -26.36
CA ILE B 185 -10.28 -15.77 -25.57
C ILE B 185 -9.00 -15.58 -24.73
N VAL B 186 -8.30 -14.45 -24.93
CA VAL B 186 -7.05 -14.17 -24.22
C VAL B 186 -6.98 -12.72 -23.70
N GLY B 187 -6.41 -12.59 -22.50
CA GLY B 187 -6.25 -11.35 -21.74
C GLY B 187 -6.48 -11.61 -20.27
N THR B 188 -6.46 -10.55 -19.41
CA THR B 188 -6.70 -10.68 -17.96
C THR B 188 -8.19 -10.42 -17.70
N THR B 189 -8.89 -11.41 -17.14
CA THR B 189 -10.34 -11.31 -17.01
C THR B 189 -10.79 -10.09 -16.22
N ALA B 190 -10.05 -9.69 -15.17
CA ALA B 190 -10.39 -8.55 -14.32
C ALA B 190 -10.40 -7.20 -15.04
N TYR B 191 -9.75 -7.15 -16.22
CA TYR B 191 -9.59 -5.95 -17.06
C TYR B 191 -10.36 -6.04 -18.34
N MET B 192 -10.84 -7.21 -18.70
CA MET B 192 -11.48 -7.43 -19.99
C MET B 192 -12.87 -6.91 -20.11
N ALA B 193 -13.15 -6.37 -21.31
CA ALA B 193 -14.46 -5.86 -21.75
C ALA B 193 -15.44 -7.03 -21.89
N PRO B 194 -16.77 -6.82 -21.66
CA PRO B 194 -17.72 -7.94 -21.82
C PRO B 194 -17.52 -8.72 -23.13
N GLU B 195 -17.51 -8.02 -24.28
CA GLU B 195 -17.38 -8.65 -25.60
C GLU B 195 -16.06 -9.37 -25.81
N ALA B 196 -14.96 -8.91 -25.15
CA ALA B 196 -13.63 -9.50 -25.22
C ALA B 196 -13.67 -10.90 -24.60
N LEU B 197 -14.41 -11.04 -23.48
CA LEU B 197 -14.63 -12.29 -22.78
C LEU B 197 -15.50 -13.22 -23.65
N ARG B 198 -16.25 -12.63 -24.62
CA ARG B 198 -17.09 -13.37 -25.57
C ARG B 198 -16.37 -13.67 -26.88
N GLY B 199 -15.11 -13.27 -26.98
CA GLY B 199 -14.31 -13.52 -28.19
C GLY B 199 -14.34 -12.44 -29.27
N GLU B 200 -14.91 -11.25 -28.98
CA GLU B 200 -14.99 -10.14 -29.92
C GLU B 200 -13.75 -9.25 -29.81
N ILE B 201 -13.03 -9.09 -30.92
CA ILE B 201 -11.83 -8.26 -31.03
C ILE B 201 -12.22 -6.87 -31.59
N THR B 202 -12.11 -5.82 -30.77
CA THR B 202 -12.44 -4.46 -31.16
C THR B 202 -11.54 -3.45 -30.47
N PRO B 203 -11.15 -2.32 -31.11
CA PRO B 203 -10.34 -1.32 -30.36
C PRO B 203 -11.06 -0.78 -29.13
N LYS B 204 -12.40 -0.94 -29.09
CA LYS B 204 -13.27 -0.49 -28.01
C LYS B 204 -13.01 -1.27 -26.72
N SER B 205 -12.50 -2.50 -26.84
CA SER B 205 -12.17 -3.36 -25.70
C SER B 205 -11.00 -2.74 -24.95
N ASP B 206 -10.03 -2.14 -25.69
CA ASP B 206 -8.86 -1.47 -25.15
C ASP B 206 -9.24 -0.26 -24.31
N ILE B 207 -10.34 0.42 -24.68
CA ILE B 207 -10.92 1.57 -23.96
C ILE B 207 -11.45 1.10 -22.59
N TYR B 208 -12.24 0.02 -22.59
CA TYR B 208 -12.78 -0.59 -21.38
C TYR B 208 -11.63 -0.92 -20.43
N SER B 209 -10.62 -1.71 -20.89
CA SER B 209 -9.44 -2.10 -20.13
C SER B 209 -8.68 -0.87 -19.58
N PHE B 210 -8.57 0.23 -20.37
CA PHE B 210 -7.96 1.48 -19.93
C PHE B 210 -8.79 2.13 -18.79
N GLY B 211 -10.12 2.00 -18.83
CA GLY B 211 -11.01 2.50 -17.79
C GLY B 211 -10.74 1.86 -16.44
N VAL B 212 -10.37 0.56 -16.44
CA VAL B 212 -10.05 -0.25 -15.25
C VAL B 212 -8.75 0.24 -14.67
N VAL B 213 -7.78 0.54 -15.54
CA VAL B 213 -6.46 1.09 -15.20
C VAL B 213 -6.62 2.46 -14.53
N LEU B 214 -7.54 3.29 -15.05
CA LEU B 214 -7.83 4.60 -14.45
C LEU B 214 -8.43 4.42 -13.06
N LEU B 215 -9.28 3.40 -12.86
CA LEU B 215 -9.84 3.07 -11.53
C LEU B 215 -8.71 2.65 -10.57
N GLU B 216 -7.69 1.91 -11.05
CA GLU B 216 -6.54 1.50 -10.24
C GLU B 216 -5.71 2.73 -9.89
N ILE B 217 -5.58 3.70 -10.81
CA ILE B 217 -4.83 4.95 -10.56
C ILE B 217 -5.52 5.77 -9.44
N ILE B 218 -6.85 5.98 -9.53
CA ILE B 218 -7.62 6.75 -8.56
C ILE B 218 -7.61 6.10 -7.15
N THR B 219 -7.92 4.80 -7.10
CA THR B 219 -8.08 4.03 -5.89
C THR B 219 -6.81 3.44 -5.31
N GLY B 220 -5.81 3.17 -6.13
CA GLY B 220 -4.56 2.54 -5.70
C GLY B 220 -4.74 1.05 -5.44
N LEU B 221 -5.93 0.53 -5.80
CA LEU B 221 -6.38 -0.85 -5.62
C LEU B 221 -6.16 -1.70 -6.84
N PRO B 222 -5.73 -2.97 -6.67
CA PRO B 222 -5.62 -3.88 -7.82
C PRO B 222 -7.01 -4.25 -8.39
N ALA B 223 -7.11 -4.47 -9.72
CA ALA B 223 -8.38 -4.78 -10.42
C ALA B 223 -9.13 -5.97 -9.84
N VAL B 224 -8.38 -6.89 -9.24
CA VAL B 224 -8.90 -8.08 -8.57
C VAL B 224 -8.04 -8.42 -7.36
N ASP B 225 -8.70 -8.74 -6.27
CA ASP B 225 -8.08 -9.17 -5.02
C ASP B 225 -9.06 -10.19 -4.45
N GLU B 226 -8.60 -11.45 -4.28
CA GLU B 226 -9.46 -12.54 -3.74
C GLU B 226 -9.85 -12.27 -2.30
N HIS B 227 -8.94 -11.61 -1.56
CA HIS B 227 -9.13 -11.29 -0.14
C HIS B 227 -9.77 -9.92 0.09
N ARG B 228 -10.72 -9.51 -0.80
CA ARG B 228 -11.40 -8.22 -0.76
C ARG B 228 -12.90 -8.28 -1.11
N GLU B 229 -13.68 -7.35 -0.55
CA GLU B 229 -15.11 -7.15 -0.77
C GLU B 229 -15.24 -5.71 -1.29
N PRO B 230 -15.51 -5.47 -2.60
CA PRO B 230 -15.75 -6.44 -3.69
C PRO B 230 -14.41 -6.97 -4.24
N GLN B 231 -14.41 -8.22 -4.74
CA GLN B 231 -13.21 -8.85 -5.28
C GLN B 231 -12.75 -8.16 -6.56
N LEU B 232 -13.71 -7.68 -7.38
CA LEU B 232 -13.43 -6.99 -8.64
C LEU B 232 -13.63 -5.50 -8.49
N LEU B 233 -12.60 -4.74 -8.86
CA LEU B 233 -12.60 -3.31 -8.78
C LEU B 233 -13.70 -2.65 -9.61
N LEU B 234 -13.99 -3.16 -10.83
CA LEU B 234 -15.04 -2.51 -11.65
C LEU B 234 -16.44 -2.67 -11.01
N ASP B 235 -16.57 -3.45 -9.91
CA ASP B 235 -17.82 -3.55 -9.14
C ASP B 235 -18.06 -2.23 -8.37
N ILE B 236 -16.99 -1.46 -8.07
CA ILE B 236 -17.12 -0.19 -7.35
C ILE B 236 -17.86 0.85 -8.21
N LYS B 237 -17.67 0.83 -9.56
CA LYS B 237 -18.34 1.71 -10.52
C LYS B 237 -19.86 1.60 -10.33
N GLU B 238 -20.30 0.37 -9.98
CA GLU B 238 -21.69 0.04 -9.73
C GLU B 238 -22.15 0.60 -8.40
N GLU B 239 -21.29 0.57 -7.36
CA GLU B 239 -21.64 1.09 -6.03
C GLU B 239 -21.77 2.63 -6.07
N ILE B 240 -20.90 3.30 -6.85
CA ILE B 240 -20.93 4.74 -7.08
C ILE B 240 -22.18 5.13 -7.90
N GLU B 241 -22.40 4.44 -9.04
CA GLU B 241 -23.55 4.64 -9.94
C GLU B 241 -24.89 4.38 -9.23
N ASP B 242 -24.94 3.33 -8.36
CA ASP B 242 -26.13 2.94 -7.58
C ASP B 242 -26.28 3.79 -6.28
N GLU B 243 -25.51 4.90 -6.19
CA GLU B 243 -25.46 5.89 -5.10
C GLU B 243 -25.10 5.29 -3.71
N GLU B 244 -24.73 3.99 -3.64
CA GLU B 244 -24.33 3.30 -2.41
C GLU B 244 -23.12 4.01 -1.76
N LYS B 245 -22.12 4.40 -2.58
CA LYS B 245 -20.90 5.10 -2.19
C LYS B 245 -20.57 6.21 -3.20
N THR B 246 -19.49 6.98 -2.97
CA THR B 246 -19.00 8.02 -3.89
C THR B 246 -17.54 7.73 -4.27
N ILE B 247 -17.01 8.44 -5.29
CA ILE B 247 -15.62 8.22 -5.71
C ILE B 247 -14.66 8.61 -4.58
N GLU B 248 -15.06 9.60 -3.76
CA GLU B 248 -14.31 10.11 -2.61
C GLU B 248 -14.04 9.05 -1.55
N ASP B 249 -14.96 8.10 -1.38
CA ASP B 249 -14.80 7.02 -0.40
C ASP B 249 -13.71 6.02 -0.84
N TYR B 250 -13.33 6.04 -2.13
CA TYR B 250 -12.39 5.09 -2.72
C TYR B 250 -11.03 5.67 -3.14
N ILE B 251 -10.88 7.02 -3.18
CA ILE B 251 -9.63 7.70 -3.55
C ILE B 251 -8.49 7.12 -2.70
N ASP B 252 -7.35 6.75 -3.33
CA ASP B 252 -6.17 6.23 -2.66
C ASP B 252 -5.76 7.17 -1.52
N LYS B 253 -5.82 6.65 -0.29
CA LYS B 253 -5.48 7.39 0.93
C LYS B 253 -3.97 7.66 1.02
N LYS B 254 -3.16 7.05 0.10
CA LYS B 254 -1.70 7.24 0.06
C LYS B 254 -1.28 8.43 -0.79
N MET B 255 -2.17 9.42 -0.98
CA MET B 255 -1.88 10.64 -1.72
C MET B 255 -2.17 11.80 -0.82
N ASN B 256 -1.41 12.90 -0.95
CA ASN B 256 -1.69 14.09 -0.14
C ASN B 256 -2.11 15.27 -1.01
N ASP B 257 -1.86 15.16 -2.34
CA ASP B 257 -2.09 16.17 -3.38
C ASP B 257 -3.31 15.96 -4.33
N ALA B 258 -4.25 15.06 -4.02
CA ALA B 258 -5.38 14.92 -4.93
C ALA B 258 -6.42 16.03 -4.68
N ASP B 259 -7.21 16.39 -5.70
CA ASP B 259 -8.28 17.37 -5.54
C ASP B 259 -9.54 16.80 -6.16
N SER B 260 -10.68 17.07 -5.53
CA SER B 260 -11.98 16.58 -5.97
C SER B 260 -12.29 16.79 -7.45
N THR B 261 -11.93 17.97 -8.01
CA THR B 261 -12.18 18.35 -9.40
C THR B 261 -11.50 17.42 -10.40
N SER B 262 -10.16 17.31 -10.33
CA SER B 262 -9.40 16.43 -11.23
C SER B 262 -9.69 14.97 -10.96
N VAL B 263 -9.97 14.61 -9.68
CA VAL B 263 -10.31 13.23 -9.34
C VAL B 263 -11.63 12.86 -9.98
N GLU B 264 -12.66 13.74 -9.85
CA GLU B 264 -13.98 13.57 -10.45
C GLU B 264 -13.89 13.54 -11.97
N ALA B 265 -12.97 14.34 -12.55
CA ALA B 265 -12.73 14.41 -14.00
C ALA B 265 -12.16 13.08 -14.51
N MET B 266 -11.15 12.48 -13.80
CA MET B 266 -10.59 11.18 -14.18
C MET B 266 -11.62 10.08 -13.96
N TYR B 267 -12.40 10.13 -12.86
CA TYR B 267 -13.46 9.14 -12.64
C TYR B 267 -14.51 9.19 -13.76
N SER B 268 -14.87 10.40 -14.23
CA SER B 268 -15.82 10.58 -15.32
C SER B 268 -15.32 9.88 -16.59
N VAL B 269 -14.01 10.00 -16.90
CA VAL B 269 -13.40 9.33 -18.06
C VAL B 269 -13.53 7.81 -17.89
N ALA B 270 -13.16 7.26 -16.68
CA ALA B 270 -13.19 5.81 -16.40
C ALA B 270 -14.58 5.26 -16.58
N SER B 271 -15.58 5.96 -15.99
CA SER B 271 -17.01 5.69 -16.04
C SER B 271 -17.46 5.57 -17.51
N GLN B 272 -17.07 6.55 -18.36
CA GLN B 272 -17.35 6.59 -19.80
C GLN B 272 -16.71 5.42 -20.53
N CYS B 273 -15.47 5.05 -20.16
CA CYS B 273 -14.71 3.93 -20.73
C CYS B 273 -15.37 2.61 -20.40
N LEU B 274 -15.94 2.50 -19.18
CA LEU B 274 -16.53 1.28 -18.62
C LEU B 274 -18.01 1.02 -18.95
N HIS B 275 -18.55 1.69 -20.00
CA HIS B 275 -19.91 1.47 -20.50
C HIS B 275 -19.95 0.03 -21.04
N GLU B 276 -21.03 -0.71 -20.75
CA GLU B 276 -21.17 -2.12 -21.16
C GLU B 276 -21.37 -2.27 -22.67
N LYS B 277 -21.97 -1.25 -23.31
CA LYS B 277 -22.18 -1.20 -24.76
C LYS B 277 -20.98 -0.49 -25.40
N LYS B 278 -20.17 -1.26 -26.18
CA LYS B 278 -18.93 -0.78 -26.83
C LYS B 278 -19.11 0.50 -27.65
N ASN B 279 -20.27 0.67 -28.30
CA ASN B 279 -20.56 1.85 -29.12
C ASN B 279 -20.79 3.13 -28.28
N LYS B 280 -21.07 2.96 -26.97
CA LYS B 280 -21.31 4.06 -26.01
C LYS B 280 -20.01 4.58 -25.36
N ARG B 281 -18.90 3.85 -25.55
CA ARG B 281 -17.58 4.19 -25.01
C ARG B 281 -16.88 5.21 -25.91
N PRO B 282 -16.02 6.11 -25.35
CA PRO B 282 -15.34 7.09 -26.22
C PRO B 282 -14.17 6.49 -26.98
N ASP B 283 -13.77 7.10 -28.11
CA ASP B 283 -12.59 6.61 -28.82
C ASP B 283 -11.36 7.13 -28.06
N ILE B 284 -10.20 6.50 -28.24
CA ILE B 284 -8.97 6.89 -27.53
C ILE B 284 -8.61 8.38 -27.72
N LYS B 285 -8.90 8.95 -28.91
CA LYS B 285 -8.67 10.37 -29.21
C LYS B 285 -9.50 11.27 -28.26
N LYS B 286 -10.80 10.96 -28.06
CA LYS B 286 -11.66 11.68 -27.11
C LYS B 286 -11.16 11.45 -25.68
N VAL B 287 -10.64 10.23 -25.38
CA VAL B 287 -10.08 9.92 -24.07
C VAL B 287 -8.87 10.83 -23.77
N GLN B 288 -7.90 10.95 -24.73
CA GLN B 288 -6.69 11.80 -24.61
C GLN B 288 -7.10 13.25 -24.27
N GLN B 289 -8.00 13.80 -25.09
CA GLN B 289 -8.59 15.14 -25.02
C GLN B 289 -9.15 15.42 -23.62
N LEU B 290 -9.90 14.47 -23.06
CA LEU B 290 -10.52 14.59 -21.73
C LEU B 290 -9.50 14.59 -20.60
N LEU B 291 -8.43 13.81 -20.75
CA LEU B 291 -7.33 13.72 -19.78
C LEU B 291 -6.48 14.99 -19.85
N GLN B 292 -6.37 15.58 -21.06
CA GLN B 292 -5.67 16.82 -21.35
C GLN B 292 -6.43 17.97 -20.67
N GLU B 293 -7.78 18.02 -20.84
CA GLU B 293 -8.67 19.02 -20.25
C GLU B 293 -8.52 19.01 -18.71
N MET B 294 -8.43 17.81 -18.13
CA MET B 294 -8.29 17.53 -16.70
C MET B 294 -7.12 18.34 -16.04
N THR B 295 -6.04 18.61 -16.80
CA THR B 295 -4.88 19.40 -16.35
C THR B 295 -4.63 20.58 -17.30
S SO4 C . 16.49 -14.34 3.71
O1 SO4 C . 16.79 -14.67 5.11
O2 SO4 C . 17.40 -13.28 3.26
O3 SO4 C . 16.71 -15.52 2.89
O4 SO4 C . 15.11 -13.87 3.51
C1 CJQ D . -0.94 13.25 17.57
C2 CJQ D . -0.58 13.29 18.95
C3 CJQ D . -1.23 12.84 20.14
C7 CJQ D . -2.39 12.15 22.11
C8 CJQ D . -2.51 12.13 20.56
C9 CJQ D . -2.49 10.76 19.87
C10 CJQ D . -3.66 9.89 20.27
C11 CJQ D . -2.47 12.39 15.90
C12 CJQ D . -3.94 12.09 16.03
C13 CJQ D . -4.57 11.96 14.66
C14 CJQ D . -3.88 10.90 13.80
C15 CJQ D . -2.35 11.05 13.76
C16 CJQ D . -1.75 11.27 15.17
C19 CJQ D . -6.18 9.87 10.95
C20 CJQ D . -5.29 9.59 12.15
O CJQ D . -4.80 10.14 19.89
N2 CJQ D . -3.36 8.85 21.05
C6 CJQ D . -0.93 12.38 22.46
C4 CJQ D . -0.43 13.00 21.22
C5 CJQ D . 0.68 13.82 19.20
S CJQ D . 1.12 13.71 20.87
N1 CJQ D . 1.50 14.33 18.27
C CJQ D . 1.00 14.26 17.03
N CJQ D . -0.17 13.74 16.62
O1 CJQ D . -2.01 12.49 17.28
N3 CJQ D . -4.54 10.80 12.48
O2 CJQ D . -5.41 10.34 9.82
C18 CJQ D . -4.65 11.52 10.15
C17 CJQ D . -3.75 11.31 11.35
C1 CJQ E . 10.05 -5.06 -17.02
C2 CJQ E . 10.06 -4.93 -18.42
C3 CJQ E . 9.30 -5.55 -19.45
C7 CJQ E . 8.60 -7.07 -21.12
C8 CJQ E . 8.29 -6.66 -19.65
C9 CJQ E . 6.85 -6.19 -19.38
C10 CJQ E . 5.94 -7.33 -19.00
C11 CJQ E . 9.12 -6.15 -15.10
C12 CJQ E . 8.14 -5.23 -14.42
C13 CJQ E . 7.93 -5.66 -12.97
C14 CJQ E . 7.52 -7.13 -12.91
C15 CJQ E . 8.51 -8.03 -13.62
C16 CJQ E . 8.67 -7.59 -15.06
C19 CJQ E . 7.79 -7.95 -9.18
C20 CJQ E . 8.00 -7.05 -10.38
O CJQ E . 6.09 -8.46 -19.46
N2 CJQ E . 4.99 -7.04 -18.11
C6 CJQ E . 9.04 -5.80 -21.81
C4 CJQ E . 9.58 -5.01 -20.67
C5 CJQ E . 10.94 -3.96 -18.91
S CJQ E . 10.83 -3.80 -20.63
N1 CJQ E . 11.73 -3.21 -18.15
C CJQ E . 11.60 -3.42 -16.84
N CJQ E . 10.81 -4.31 -16.22
O1 CJQ E . 9.19 -5.95 -16.52
N3 CJQ E . 7.28 -7.61 -11.53
O2 CJQ E . 6.39 -8.17 -8.89
C18 CJQ E . 5.71 -8.70 -10.03
C17 CJQ E . 5.85 -7.79 -11.22
#